data_7MOW
#
_entry.id   7MOW
#
_cell.length_a   88.609
_cell.length_b   88.609
_cell.length_c   103.571
_cell.angle_alpha   90.000
_cell.angle_beta   90.000
_cell.angle_gamma   120.000
#
_symmetry.space_group_name_H-M   'P 31 2 1'
#
loop_
_entity.id
_entity.type
_entity.pdbx_description
1 polymer 'Tyrosine-protein phosphatase non-receptor type 1'
2 non-polymer '2-(OXALYL-AMINO)-4,5,6,7-TETRAHYDRO-THIENO[2,3-C]PYRIDINE-3-CARBOXYLIC ACID'
3 non-polymer 2-AMINO-2-HYDROXYMETHYL-PROPANE-1,3-DIOL
4 non-polymer 'CHLORIDE ION'
5 non-polymer GLYCEROL
6 water water
#
_entity_poly.entity_id   1
_entity_poly.type   'polypeptide(L)'
_entity_poly.pdbx_seq_one_letter_code
;GHMASMEMEKEFEQIDKSGSWAAIYQDIRHEASDFPCRVAKLPKNKNRNRYRDVSPFDHSRIKLHQEDNDYINASLIKME
EAQRSYILTQGPLPNTCGHFWEMVWEQKSRGVVMLNRVMEKGSLKCAQYWPQKEEKEMIFEDTNLKLTLISEDIKSYYTV
RQLELENLTTQETREILHFHYTTWPDFGVPESPASFLNFLFKVRESGSLSPEHGPVVVHCSAGIGRSGTICLADTCLLLM
DKRKDPSSVDIKKVLLEMRKFRMGLIQTADQLRFSYLAVIEGAKFIMGDSSVQDQWKELSHEDLEPHN
;
_entity_poly.pdbx_strand_id   A
#
loop_
_chem_comp.id
_chem_comp.type
_chem_comp.name
_chem_comp.formula
CL non-polymer 'CHLORIDE ION' 'Cl -1'
GOL non-polymer GLYCEROL 'C3 H8 O3'
OTA non-polymer '2-(OXALYL-AMINO)-4,5,6,7-TETRAHYDRO-THIENO[2,3-C]PYRIDINE-3-CARBOXYLIC ACID' 'C10 H10 N2 O5 S'
TRS non-polymer 2-AMINO-2-HYDROXYMETHYL-PROPANE-1,3-DIOL 'C4 H12 N O3 1'
#
# COMPACT_ATOMS: atom_id res chain seq x y z
N ALA A 4 8.39 -31.32 4.17
CA ALA A 4 9.08 -30.51 3.18
C ALA A 4 9.07 -29.05 3.62
N SER A 5 9.95 -28.25 3.02
CA SER A 5 10.21 -26.88 3.44
C SER A 5 10.70 -26.10 2.24
N MET A 6 10.27 -24.84 2.10
CA MET A 6 10.79 -23.90 1.11
C MET A 6 12.06 -23.23 1.63
N GLU A 7 12.85 -22.67 0.71
CA GLU A 7 14.11 -22.08 1.14
C GLU A 7 13.90 -20.81 1.96
N MET A 8 12.79 -20.08 1.76
CA MET A 8 12.56 -18.93 2.63
C MET A 8 12.23 -19.37 4.05
N GLU A 9 11.62 -20.55 4.21
CA GLU A 9 11.34 -21.05 5.55
C GLU A 9 12.61 -21.49 6.26
N LYS A 10 13.58 -22.05 5.53
CA LYS A 10 14.84 -22.41 6.16
C LYS A 10 15.60 -21.16 6.59
N GLU A 11 15.56 -20.10 5.75
CA GLU A 11 16.16 -18.84 6.17
C GLU A 11 15.45 -18.30 7.40
N PHE A 12 14.11 -18.27 7.35
CA PHE A 12 13.32 -17.76 8.48
C PHE A 12 13.74 -18.43 9.78
N GLU A 13 13.85 -19.77 9.75
CA GLU A 13 14.19 -20.49 10.96
C GLU A 13 15.59 -20.14 11.44
N GLN A 14 16.57 -19.99 10.52
CA GLN A 14 17.92 -19.62 10.95
C GLN A 14 17.97 -18.21 11.55
N ILE A 15 17.27 -17.26 10.94
CA ILE A 15 17.25 -15.92 11.52
C ILE A 15 16.59 -15.94 12.90
N ASP A 16 15.47 -16.65 13.03
CA ASP A 16 14.79 -16.74 14.31
C ASP A 16 15.72 -17.38 15.34
N LYS A 17 16.34 -18.49 14.97
CA LYS A 17 17.19 -19.22 15.90
C LYS A 17 18.33 -18.35 16.41
N SER A 18 18.94 -17.55 15.55
CA SER A 18 20.06 -16.71 15.93
C SER A 18 19.63 -15.33 16.46
N GLY A 19 18.33 -15.05 16.49
CA GLY A 19 17.82 -13.76 16.95
C GLY A 19 18.36 -12.58 16.17
N SER A 20 18.33 -12.64 14.84
CA SER A 20 19.07 -11.67 14.07
C SER A 20 18.17 -10.84 13.14
N TRP A 21 16.88 -10.74 13.45
CA TRP A 21 16.01 -9.92 12.60
C TRP A 21 16.47 -8.47 12.58
N ALA A 22 16.93 -7.94 13.71
CA ALA A 22 17.37 -6.54 13.73
C ALA A 22 18.55 -6.33 12.79
N ALA A 23 19.55 -7.20 12.88
CA ALA A 23 20.72 -7.07 12.01
C ALA A 23 20.37 -7.27 10.55
N ILE A 24 19.49 -8.22 10.25
CA ILE A 24 19.07 -8.42 8.86
C ILE A 24 18.38 -7.18 8.34
N TYR A 25 17.47 -6.62 9.14
CA TYR A 25 16.73 -5.44 8.72
C TYR A 25 17.65 -4.23 8.61
N GLN A 26 18.62 -4.10 9.52
CA GLN A 26 19.50 -2.93 9.39
C GLN A 26 20.41 -3.05 8.19
N ASP A 27 20.78 -4.28 7.82
N ASP A 27 20.78 -4.27 7.80
CA ASP A 27 21.53 -4.49 6.59
CA ASP A 27 21.56 -4.40 6.57
C ASP A 27 20.76 -4.00 5.39
C ASP A 27 20.74 -3.95 5.38
N ILE A 28 19.45 -4.22 5.37
CA ILE A 28 18.63 -3.72 4.27
C ILE A 28 18.63 -2.20 4.25
N ARG A 29 18.46 -1.57 5.43
CA ARG A 29 18.47 -0.11 5.48
C ARG A 29 19.79 0.44 4.98
N HIS A 30 20.88 -0.26 5.28
CA HIS A 30 22.21 0.22 4.90
C HIS A 30 22.43 0.10 3.40
N GLU A 31 21.92 -0.96 2.79
CA GLU A 31 22.11 -1.17 1.36
C GLU A 31 21.09 -0.44 0.51
N ALA A 32 20.04 0.12 1.10
CA ALA A 32 18.96 0.70 0.31
C ALA A 32 19.43 1.88 -0.53
N SER A 33 18.80 2.04 -1.70
CA SER A 33 19.03 3.15 -2.64
C SER A 33 18.88 4.51 -1.96
N ASP A 34 19.69 5.47 -2.44
CA ASP A 34 19.57 6.86 -2.03
C ASP A 34 19.54 7.67 -3.33
N PHE A 35 18.41 8.29 -3.63
CA PHE A 35 18.22 9.12 -4.82
C PHE A 35 17.71 10.48 -4.37
N PRO A 36 17.85 11.51 -5.20
CA PRO A 36 17.44 12.85 -4.80
C PRO A 36 15.93 12.98 -4.76
N CYS A 37 15.49 13.86 -3.86
CA CYS A 37 14.11 14.25 -3.65
C CYS A 37 14.03 15.77 -3.70
N ARG A 38 14.61 16.37 -4.74
N ARG A 38 14.63 16.35 -4.75
CA ARG A 38 14.73 17.83 -4.76
CA ARG A 38 14.73 17.80 -4.88
C ARG A 38 13.37 18.50 -4.91
C ARG A 38 13.36 18.46 -4.88
N VAL A 39 12.42 17.89 -5.63
CA VAL A 39 11.11 18.55 -5.77
C VAL A 39 10.37 18.52 -4.44
N ALA A 40 10.42 17.38 -3.75
CA ALA A 40 9.74 17.28 -2.45
C ALA A 40 10.26 18.30 -1.47
N LYS A 41 11.51 18.70 -1.60
CA LYS A 41 12.15 19.60 -0.63
C LYS A 41 12.07 21.07 -1.02
N LEU A 42 11.40 21.40 -2.12
CA LEU A 42 11.27 22.82 -2.45
C LEU A 42 10.39 23.50 -1.40
N PRO A 43 10.67 24.76 -1.11
CA PRO A 43 9.90 25.44 -0.05
C PRO A 43 8.42 25.45 -0.35
N LYS A 44 8.03 25.61 -1.62
CA LYS A 44 6.61 25.68 -1.89
C LYS A 44 5.91 24.36 -1.58
N ASN A 45 6.63 23.26 -1.45
CA ASN A 45 5.99 21.97 -1.16
C ASN A 45 6.05 21.56 0.31
N LYS A 46 6.51 22.45 1.20
CA LYS A 46 6.68 22.02 2.59
C LYS A 46 5.34 21.59 3.19
N ASN A 47 4.24 22.35 2.88
CA ASN A 47 2.96 21.97 3.44
C ASN A 47 2.26 20.85 2.66
N ARG A 48 2.94 20.21 1.70
CA ARG A 48 2.39 19.03 1.03
C ARG A 48 2.96 17.74 1.56
N ASN A 49 3.94 17.81 2.50
CA ASN A 49 4.57 16.64 3.10
C ASN A 49 4.15 16.49 4.56
N ARG A 50 3.69 15.28 4.89
CA ARG A 50 3.25 15.00 6.27
C ARG A 50 4.43 14.84 7.22
N TYR A 51 5.53 14.19 6.75
CA TYR A 51 6.72 13.93 7.57
C TYR A 51 7.97 14.44 6.85
N ARG A 52 8.82 15.18 7.58
N ARG A 52 8.81 15.20 7.56
CA ARG A 52 10.01 15.77 6.98
CA ARG A 52 10.01 15.77 6.92
C ARG A 52 11.01 14.73 6.49
C ARG A 52 10.95 14.69 6.39
N ASP A 53 10.96 13.50 7.01
CA ASP A 53 11.91 12.46 6.66
C ASP A 53 11.34 11.44 5.68
N VAL A 54 10.16 11.68 5.10
CA VAL A 54 9.56 10.72 4.14
C VAL A 54 9.18 11.49 2.91
N SER A 55 9.93 11.30 1.83
CA SER A 55 9.78 12.08 0.62
C SER A 55 9.87 11.11 -0.56
N PRO A 56 9.16 11.39 -1.64
CA PRO A 56 9.33 10.59 -2.87
C PRO A 56 10.61 10.99 -3.60
N PHE A 57 11.34 10.00 -4.15
CA PHE A 57 12.44 10.32 -5.08
C PHE A 57 11.90 11.06 -6.29
N ASP A 58 12.72 12.00 -6.82
CA ASP A 58 12.33 12.65 -8.05
C ASP A 58 12.03 11.66 -9.18
N HIS A 59 12.86 10.60 -9.32
CA HIS A 59 12.77 9.81 -10.56
C HIS A 59 11.48 9.01 -10.62
N SER A 60 10.88 8.71 -9.49
CA SER A 60 9.68 7.84 -9.46
C SER A 60 8.47 8.55 -8.90
N ARG A 61 8.55 9.86 -8.64
CA ARG A 61 7.37 10.52 -8.09
C ARG A 61 6.24 10.59 -9.12
N ILE A 62 5.01 10.56 -8.58
CA ILE A 62 3.83 10.78 -9.40
C ILE A 62 3.68 12.27 -9.62
N LYS A 63 3.53 12.69 -10.86
CA LYS A 63 3.33 14.11 -11.18
C LYS A 63 1.85 14.36 -11.42
N LEU A 64 1.31 15.36 -10.75
CA LEU A 64 -0.07 15.76 -11.04
C LEU A 64 -0.12 16.47 -12.40
N HIS A 65 -1.23 16.31 -13.14
CA HIS A 65 -1.37 16.94 -14.47
C HIS A 65 -1.89 18.36 -14.32
N GLN A 66 -1.14 19.16 -13.61
CA GLN A 66 -1.60 20.43 -13.09
C GLN A 66 -0.50 21.40 -13.43
N GLU A 67 -0.83 22.50 -14.12
CA GLU A 67 0.26 23.41 -14.53
C GLU A 67 0.81 24.17 -13.33
N ASP A 68 -0.04 24.44 -12.32
CA ASP A 68 0.37 25.22 -11.16
C ASP A 68 1.54 24.55 -10.43
N ASN A 69 1.26 23.43 -9.80
CA ASN A 69 2.26 22.76 -8.98
C ASN A 69 1.96 21.27 -9.11
N ASP A 70 2.85 20.52 -9.72
CA ASP A 70 2.54 19.11 -9.99
C ASP A 70 2.90 18.17 -8.85
N TYR A 71 3.26 18.67 -7.66
CA TYR A 71 3.82 17.81 -6.61
C TYR A 71 2.77 17.13 -5.72
N ILE A 72 2.93 15.82 -5.53
CA ILE A 72 2.24 15.08 -4.46
C ILE A 72 3.26 14.10 -3.86
N ASN A 73 3.16 13.87 -2.56
CA ASN A 73 4.06 12.92 -1.92
C ASN A 73 3.53 11.52 -2.24
N ALA A 74 3.97 10.97 -3.38
CA ALA A 74 3.55 9.68 -3.89
C ALA A 74 4.61 9.19 -4.86
N SER A 75 4.78 7.86 -4.91
CA SER A 75 5.82 7.21 -5.72
C SER A 75 5.20 6.07 -6.53
N LEU A 76 5.63 5.89 -7.78
CA LEU A 76 5.27 4.71 -8.55
C LEU A 76 6.28 3.60 -8.29
N ILE A 77 5.82 2.49 -7.69
CA ILE A 77 6.67 1.30 -7.47
C ILE A 77 6.42 0.37 -8.65
N LYS A 78 7.33 0.37 -9.62
CA LYS A 78 7.09 -0.34 -10.86
C LYS A 78 7.90 -1.62 -10.84
N MET A 79 7.22 -2.74 -10.55
CA MET A 79 7.95 -4.01 -10.35
C MET A 79 8.03 -4.70 -11.70
N GLU A 80 9.19 -4.59 -12.36
CA GLU A 80 9.29 -4.98 -13.77
C GLU A 80 9.19 -6.50 -13.93
N GLU A 81 9.90 -7.27 -13.11
CA GLU A 81 9.85 -8.71 -13.27
C GLU A 81 8.46 -9.25 -12.94
N ALA A 82 7.87 -8.73 -11.86
CA ALA A 82 6.54 -9.17 -11.42
C ALA A 82 5.44 -8.69 -12.36
N GLN A 83 5.68 -7.60 -13.09
CA GLN A 83 4.69 -6.99 -13.95
C GLN A 83 3.46 -6.51 -13.16
N ARG A 84 3.71 -5.87 -12.03
CA ARG A 84 2.63 -5.23 -11.30
C ARG A 84 3.18 -3.90 -10.79
N SER A 85 2.32 -2.88 -10.75
CA SER A 85 2.79 -1.57 -10.25
C SER A 85 1.89 -1.16 -9.12
N TYR A 86 2.42 -0.33 -8.22
CA TYR A 86 1.62 0.22 -7.13
C TYR A 86 1.99 1.67 -7.00
N ILE A 87 1.05 2.48 -6.54
CA ILE A 87 1.39 3.86 -6.18
C ILE A 87 1.36 3.91 -4.67
N LEU A 88 2.47 4.25 -4.01
CA LEU A 88 2.48 4.38 -2.56
C LEU A 88 2.53 5.86 -2.20
N THR A 89 1.67 6.28 -1.26
CA THR A 89 1.56 7.69 -0.96
C THR A 89 1.29 7.84 0.55
N GLN A 90 1.53 9.05 1.05
CA GLN A 90 1.25 9.31 2.46
C GLN A 90 -0.27 9.43 2.64
N GLY A 91 -0.72 9.36 3.90
CA GLY A 91 -2.13 9.68 4.15
C GLY A 91 -2.32 11.16 3.83
N PRO A 92 -3.33 11.54 3.00
CA PRO A 92 -3.43 12.93 2.57
C PRO A 92 -3.66 13.87 3.73
N LEU A 93 -3.18 15.11 3.55
CA LEU A 93 -3.37 16.17 4.54
C LEU A 93 -4.62 16.94 4.18
N PRO A 94 -5.09 17.79 5.07
CA PRO A 94 -6.33 18.55 4.74
C PRO A 94 -6.22 19.36 3.45
N ASN A 95 -5.02 19.82 3.08
CA ASN A 95 -4.86 20.63 1.87
C ASN A 95 -4.45 19.80 0.65
N THR A 96 -4.28 18.47 0.80
CA THR A 96 -3.85 17.62 -0.32
C THR A 96 -4.89 16.53 -0.66
N CYS A 97 -6.13 16.60 -0.11
CA CYS A 97 -7.11 15.58 -0.51
C CYS A 97 -7.55 15.79 -1.95
N GLY A 98 -7.67 17.03 -2.40
CA GLY A 98 -7.96 17.23 -3.83
C GLY A 98 -6.85 16.65 -4.69
N HIS A 99 -5.59 16.94 -4.35
CA HIS A 99 -4.46 16.35 -5.08
C HIS A 99 -4.53 14.83 -5.11
N PHE A 100 -4.89 14.22 -3.96
CA PHE A 100 -4.95 12.77 -3.87
C PHE A 100 -5.95 12.22 -4.89
N TRP A 101 -7.17 12.76 -4.93
CA TRP A 101 -8.17 12.23 -5.87
C TRP A 101 -7.85 12.61 -7.30
N GLU A 102 -7.15 13.72 -7.51
CA GLU A 102 -6.66 14.04 -8.85
C GLU A 102 -5.69 12.97 -9.34
N MET A 103 -4.82 12.53 -8.44
CA MET A 103 -3.89 11.48 -8.78
C MET A 103 -4.62 10.18 -9.10
N VAL A 104 -5.58 9.79 -8.25
CA VAL A 104 -6.40 8.60 -8.54
C VAL A 104 -7.01 8.69 -9.93
N TRP A 105 -7.60 9.85 -10.22
CA TRP A 105 -8.23 10.04 -11.53
C TRP A 105 -7.20 9.93 -12.66
N GLU A 106 -6.15 10.75 -12.59
CA GLU A 106 -5.23 10.84 -13.70
C GLU A 106 -4.50 9.51 -13.93
N GLN A 107 -4.21 8.78 -12.88
CA GLN A 107 -3.49 7.51 -13.00
C GLN A 107 -4.41 6.32 -13.29
N LYS A 108 -5.72 6.55 -13.32
CA LYS A 108 -6.73 5.52 -13.71
C LYS A 108 -6.81 4.35 -12.72
N SER A 109 -6.52 4.62 -11.47
CA SER A 109 -6.58 3.60 -10.43
C SER A 109 -8.02 3.18 -10.21
N ARG A 110 -8.19 1.90 -9.91
CA ARG A 110 -9.51 1.33 -9.60
C ARG A 110 -9.71 1.14 -8.10
N GLY A 111 -8.63 0.94 -7.36
CA GLY A 111 -8.73 0.71 -5.93
C GLY A 111 -7.78 1.59 -5.13
N VAL A 112 -8.20 1.88 -3.88
CA VAL A 112 -7.35 2.57 -2.91
C VAL A 112 -7.29 1.65 -1.70
N VAL A 113 -6.09 1.36 -1.20
CA VAL A 113 -5.92 0.47 -0.04
C VAL A 113 -5.40 1.34 1.09
N MET A 114 -6.14 1.42 2.18
CA MET A 114 -5.79 2.26 3.34
C MET A 114 -5.51 1.34 4.53
N LEU A 115 -4.32 1.41 5.10
CA LEU A 115 -3.88 0.46 6.14
C LEU A 115 -3.88 1.04 7.53
N ASN A 116 -4.31 2.30 7.70
CA ASN A 116 -4.25 3.02 8.97
C ASN A 116 -5.66 3.52 9.33
N ARG A 117 -5.83 3.93 10.56
CA ARG A 117 -6.99 4.72 10.97
C ARG A 117 -6.64 6.21 10.93
N VAL A 118 -7.68 7.05 10.87
CA VAL A 118 -7.46 8.48 10.87
C VAL A 118 -6.78 8.94 12.16
N MET A 119 -7.20 8.40 13.30
CA MET A 119 -6.54 8.75 14.57
C MET A 119 -5.82 7.51 15.10
N GLU A 120 -4.52 7.64 15.40
CA GLU A 120 -3.72 6.54 15.96
C GLU A 120 -2.75 7.15 16.93
N LYS A 121 -2.50 6.46 18.03
CA LYS A 121 -1.54 6.94 19.01
C LYS A 121 -1.88 8.36 19.45
N GLY A 122 -3.16 8.71 19.50
CA GLY A 122 -3.51 10.07 19.96
C GLY A 122 -3.37 11.17 18.94
N SER A 123 -2.91 10.86 17.73
CA SER A 123 -2.61 11.88 16.70
C SER A 123 -3.44 11.63 15.46
N LEU A 124 -3.64 12.70 14.68
CA LEU A 124 -4.34 12.54 13.40
C LEU A 124 -3.31 12.18 12.33
N LYS A 125 -3.35 10.94 11.88
CA LYS A 125 -2.37 10.36 10.98
C LYS A 125 -2.79 10.49 9.52
N CYS A 126 -4.01 10.95 9.28
CA CYS A 126 -4.57 10.97 7.92
C CYS A 126 -5.78 11.87 7.95
N ALA A 127 -5.98 12.67 6.90
CA ALA A 127 -7.19 13.48 6.80
C ALA A 127 -8.41 12.61 6.47
N GLN A 128 -9.61 13.11 6.79
CA GLN A 128 -10.83 12.38 6.42
C GLN A 128 -11.11 12.71 4.94
N TYR A 129 -10.54 11.93 4.03
CA TYR A 129 -10.50 12.29 2.62
C TYR A 129 -11.59 11.61 1.81
N TRP A 130 -12.48 10.84 2.43
CA TRP A 130 -13.60 10.24 1.73
C TRP A 130 -14.86 10.49 2.56
N PRO A 131 -16.04 10.46 1.93
CA PRO A 131 -17.29 10.76 2.69
C PRO A 131 -17.78 9.58 3.51
N GLN A 132 -18.24 9.88 4.71
CA GLN A 132 -18.71 8.83 5.62
C GLN A 132 -20.19 8.57 5.47
N LYS A 133 -20.92 9.46 4.81
CA LYS A 133 -22.37 9.35 4.69
C LYS A 133 -22.75 9.56 3.24
N GLU A 134 -23.62 8.69 2.70
CA GLU A 134 -24.10 8.81 1.33
C GLU A 134 -24.56 10.22 1.00
N GLU A 135 -25.35 10.81 1.88
CA GLU A 135 -25.98 12.08 1.53
C GLU A 135 -25.04 13.29 1.70
N LYS A 136 -23.82 13.08 2.17
CA LYS A 136 -22.84 14.17 2.36
C LYS A 136 -21.65 13.93 1.45
N GLU A 137 -21.82 14.16 0.15
CA GLU A 137 -20.70 13.96 -0.76
C GLU A 137 -19.66 15.07 -0.55
N MET A 138 -18.47 14.86 -1.09
CA MET A 138 -17.41 15.85 -0.99
C MET A 138 -17.09 16.43 -2.35
N ILE A 139 -16.85 17.74 -2.41
CA ILE A 139 -16.38 18.38 -3.64
C ILE A 139 -15.02 18.98 -3.34
N PHE A 140 -14.05 18.67 -4.18
CA PHE A 140 -12.70 19.20 -4.02
C PHE A 140 -12.61 20.31 -5.06
N GLU A 141 -12.79 21.56 -4.60
CA GLU A 141 -12.92 22.66 -5.54
C GLU A 141 -11.63 22.88 -6.32
N ASP A 142 -10.47 22.67 -5.67
CA ASP A 142 -9.22 22.99 -6.34
C ASP A 142 -9.01 22.11 -7.57
N THR A 143 -9.42 20.83 -7.50
CA THR A 143 -9.18 19.90 -8.62
C THR A 143 -10.43 19.53 -9.38
N ASN A 144 -11.57 20.11 -9.03
CA ASN A 144 -12.82 19.92 -9.76
C ASN A 144 -13.29 18.45 -9.79
N LEU A 145 -13.33 17.82 -8.62
CA LEU A 145 -13.75 16.43 -8.53
C LEU A 145 -14.85 16.31 -7.49
N LYS A 146 -15.79 15.38 -7.69
CA LYS A 146 -16.83 15.11 -6.71
C LYS A 146 -16.69 13.66 -6.29
N LEU A 147 -16.88 13.37 -5.01
CA LEU A 147 -16.69 12.04 -4.46
C LEU A 147 -17.90 11.69 -3.59
N THR A 148 -18.57 10.55 -3.88
CA THR A 148 -19.81 10.16 -3.18
C THR A 148 -19.62 8.76 -2.62
N LEU A 149 -20.03 8.53 -1.37
CA LEU A 149 -20.07 7.17 -0.82
C LEU A 149 -21.28 6.45 -1.40
N ILE A 150 -21.08 5.32 -2.10
CA ILE A 150 -22.23 4.60 -2.67
C ILE A 150 -22.74 3.51 -1.74
N SER A 151 -21.83 2.78 -1.09
CA SER A 151 -22.16 1.69 -0.17
C SER A 151 -20.89 1.30 0.60
N GLU A 152 -21.10 0.61 1.72
CA GLU A 152 -19.93 0.10 2.43
C GLU A 152 -20.29 -1.22 3.12
N ASP A 153 -19.29 -2.06 3.27
CA ASP A 153 -19.45 -3.43 3.77
C ASP A 153 -18.46 -3.52 4.93
N ILE A 154 -18.98 -3.40 6.14
CA ILE A 154 -18.15 -3.34 7.34
C ILE A 154 -17.96 -4.73 7.93
N LYS A 155 -16.71 -5.20 7.99
CA LYS A 155 -16.38 -6.47 8.65
C LYS A 155 -15.67 -6.14 9.96
N SER A 156 -15.28 -7.18 10.73
CA SER A 156 -14.88 -6.90 12.11
C SER A 156 -13.58 -6.11 12.16
N TYR A 157 -12.69 -6.33 11.20
CA TYR A 157 -11.40 -5.64 11.20
C TYR A 157 -11.06 -4.91 9.90
N TYR A 158 -11.95 -4.89 8.90
CA TYR A 158 -11.71 -4.07 7.70
C TYR A 158 -13.06 -3.74 7.09
N THR A 159 -13.06 -2.73 6.25
CA THR A 159 -14.28 -2.23 5.61
C THR A 159 -13.97 -2.05 4.14
N VAL A 160 -14.93 -2.40 3.27
CA VAL A 160 -14.79 -2.17 1.84
C VAL A 160 -15.85 -1.16 1.43
N ARG A 161 -15.45 -0.07 0.79
CA ARG A 161 -16.44 0.93 0.37
C ARG A 161 -16.47 1.05 -1.13
N GLN A 162 -17.65 1.28 -1.68
N GLN A 162 -17.65 1.31 -1.67
CA GLN A 162 -17.80 1.66 -3.07
CA GLN A 162 -17.80 1.64 -3.08
C GLN A 162 -17.93 3.17 -3.12
C GLN A 162 -17.98 3.16 -3.18
N LEU A 163 -17.05 3.83 -3.84
CA LEU A 163 -17.10 5.27 -4.02
C LEU A 163 -17.34 5.62 -5.50
N GLU A 164 -18.00 6.75 -5.74
CA GLU A 164 -18.16 7.26 -7.10
C GLU A 164 -17.32 8.52 -7.20
N LEU A 165 -16.36 8.54 -8.11
CA LEU A 165 -15.51 9.70 -8.33
C LEU A 165 -15.89 10.32 -9.67
N GLU A 166 -16.24 11.60 -9.67
CA GLU A 166 -16.71 12.26 -10.88
C GLU A 166 -15.76 13.39 -11.25
N ASN A 167 -15.38 13.45 -12.52
CA ASN A 167 -14.61 14.57 -13.01
C ASN A 167 -15.62 15.64 -13.44
N LEU A 168 -15.70 16.72 -12.67
CA LEU A 168 -16.78 17.67 -12.90
C LEU A 168 -16.56 18.45 -14.19
N THR A 169 -15.34 18.47 -14.71
CA THR A 169 -15.12 19.16 -15.99
C THR A 169 -15.74 18.38 -17.15
N THR A 170 -15.62 17.05 -17.13
CA THR A 170 -16.12 16.22 -18.21
C THR A 170 -17.42 15.51 -17.88
N GLN A 171 -17.81 15.49 -16.60
CA GLN A 171 -18.92 14.69 -16.09
C GLN A 171 -18.70 13.17 -16.26
N GLU A 172 -17.47 12.71 -16.52
N GLU A 172 -17.48 12.71 -16.54
CA GLU A 172 -17.20 11.27 -16.49
CA GLU A 172 -17.23 11.28 -16.48
C GLU A 172 -17.21 10.81 -15.03
C GLU A 172 -17.25 10.83 -15.03
N THR A 173 -17.71 9.59 -14.79
CA THR A 173 -17.69 9.01 -13.44
C THR A 173 -17.00 7.66 -13.45
N ARG A 174 -16.40 7.32 -12.31
CA ARG A 174 -15.74 6.02 -12.17
C ARG A 174 -16.06 5.47 -10.79
N GLU A 175 -16.18 4.16 -10.71
CA GLU A 175 -16.31 3.50 -9.41
C GLU A 175 -14.94 3.22 -8.87
N ILE A 176 -14.65 3.69 -7.65
CA ILE A 176 -13.40 3.41 -6.94
C ILE A 176 -13.71 2.53 -5.74
N LEU A 177 -12.93 1.47 -5.55
CA LEU A 177 -13.12 0.59 -4.40
C LEU A 177 -12.15 1.00 -3.33
N HIS A 178 -12.61 1.08 -2.08
CA HIS A 178 -11.76 1.54 -0.97
C HIS A 178 -11.64 0.39 0.01
N PHE A 179 -10.42 -0.13 0.21
CA PHE A 179 -10.18 -1.28 1.11
C PHE A 179 -9.49 -0.75 2.36
N HIS A 180 -10.18 -0.77 3.48
CA HIS A 180 -9.71 -0.06 4.66
C HIS A 180 -9.43 -1.06 5.79
N TYR A 181 -8.16 -1.29 6.07
CA TYR A 181 -7.76 -2.22 7.13
C TYR A 181 -7.77 -1.43 8.45
N THR A 182 -8.62 -1.80 9.43
CA THR A 182 -8.82 -0.89 10.56
C THR A 182 -8.18 -1.37 11.84
N THR A 183 -7.43 -2.50 11.80
CA THR A 183 -6.88 -3.09 13.02
C THR A 183 -5.38 -3.36 12.90
N TRP A 184 -4.70 -2.63 12.05
CA TRP A 184 -3.25 -2.80 11.88
C TRP A 184 -2.54 -1.61 12.51
N PRO A 185 -1.87 -1.78 13.66
CA PRO A 185 -1.34 -0.61 14.39
C PRO A 185 -0.19 0.05 13.65
N ASP A 186 -0.09 1.38 13.83
CA ASP A 186 1.07 2.10 13.29
C ASP A 186 2.34 1.56 13.95
N PHE A 187 3.44 1.44 13.17
CA PHE A 187 4.70 0.80 13.59
C PHE A 187 4.53 -0.64 14.06
N GLY A 188 3.41 -1.29 13.69
CA GLY A 188 3.12 -2.64 14.18
C GLY A 188 2.83 -3.61 13.05
N VAL A 189 2.27 -4.79 13.39
CA VAL A 189 2.02 -5.84 12.39
C VAL A 189 0.56 -6.23 12.49
N PRO A 190 0.05 -6.94 11.48
CA PRO A 190 -1.30 -7.48 11.60
C PRO A 190 -1.38 -8.54 12.70
N GLU A 191 -2.63 -8.79 13.15
CA GLU A 191 -2.86 -9.73 14.24
C GLU A 191 -2.44 -11.16 13.90
N SER A 192 -2.50 -11.54 12.63
CA SER A 192 -2.07 -12.88 12.23
C SER A 192 -1.80 -12.83 10.76
N PRO A 193 -0.95 -13.71 10.24
CA PRO A 193 -0.86 -13.88 8.78
C PRO A 193 -2.24 -14.09 8.15
N ALA A 194 -3.09 -14.90 8.80
CA ALA A 194 -4.37 -15.25 8.19
C ALA A 194 -5.21 -14.00 7.95
N SER A 195 -5.31 -13.13 8.96
CA SER A 195 -6.20 -11.99 8.70
C SER A 195 -5.58 -11.03 7.72
N PHE A 196 -4.25 -10.90 7.72
CA PHE A 196 -3.62 -10.09 6.70
C PHE A 196 -3.86 -10.67 5.30
N LEU A 197 -3.66 -11.97 5.13
CA LEU A 197 -3.81 -12.58 3.79
C LEU A 197 -5.26 -12.54 3.36
N ASN A 198 -6.19 -12.75 4.29
CA ASN A 198 -7.61 -12.65 3.94
C ASN A 198 -7.92 -11.29 3.35
N PHE A 199 -7.37 -10.22 3.95
CA PHE A 199 -7.56 -8.86 3.44
C PHE A 199 -6.89 -8.69 2.07
N LEU A 200 -5.61 -9.10 1.96
CA LEU A 200 -4.92 -8.91 0.68
C LEU A 200 -5.67 -9.65 -0.44
N PHE A 201 -6.14 -10.86 -0.15
CA PHE A 201 -6.87 -11.60 -1.18
C PHE A 201 -8.23 -10.98 -1.50
N LYS A 202 -8.84 -10.27 -0.55
CA LYS A 202 -10.04 -9.52 -0.88
C LYS A 202 -9.72 -8.39 -1.87
N VAL A 203 -8.56 -7.75 -1.69
CA VAL A 203 -8.13 -6.74 -2.67
C VAL A 203 -7.89 -7.40 -4.02
N ARG A 204 -7.13 -8.50 -4.02
CA ARG A 204 -6.88 -9.20 -5.28
C ARG A 204 -8.18 -9.62 -5.95
N GLU A 205 -9.09 -10.19 -5.20
CA GLU A 205 -10.31 -10.74 -5.82
C GLU A 205 -11.15 -9.66 -6.48
N SER A 206 -11.04 -8.42 -6.00
CA SER A 206 -11.86 -7.32 -6.54
C SER A 206 -11.53 -6.99 -7.96
N GLY A 207 -10.38 -7.43 -8.45
CA GLY A 207 -9.90 -7.02 -9.75
C GLY A 207 -9.14 -5.72 -9.75
N SER A 208 -8.94 -5.08 -8.59
CA SER A 208 -8.30 -3.76 -8.55
C SER A 208 -6.83 -3.81 -8.98
N LEU A 209 -6.18 -4.96 -8.94
CA LEU A 209 -4.75 -5.02 -9.30
C LEU A 209 -4.56 -5.44 -10.76
N SER A 210 -5.66 -5.55 -11.51
CA SER A 210 -5.58 -5.98 -12.89
C SER A 210 -4.69 -5.03 -13.67
N PRO A 211 -3.87 -5.54 -14.59
CA PRO A 211 -3.10 -4.63 -15.45
C PRO A 211 -3.98 -3.86 -16.42
N GLU A 212 -5.27 -4.17 -16.53
CA GLU A 212 -6.12 -3.31 -17.33
C GLU A 212 -6.46 -1.98 -16.62
N HIS A 213 -6.23 -1.88 -15.33
CA HIS A 213 -6.44 -0.63 -14.61
C HIS A 213 -5.11 0.08 -14.41
N GLY A 214 -5.16 1.33 -13.94
CA GLY A 214 -3.98 2.02 -13.44
C GLY A 214 -3.51 1.33 -12.18
N PRO A 215 -2.34 1.73 -11.67
CA PRO A 215 -1.83 1.12 -10.43
C PRO A 215 -2.79 1.36 -9.26
N VAL A 216 -2.95 0.33 -8.43
CA VAL A 216 -3.63 0.55 -7.14
C VAL A 216 -2.87 1.59 -6.33
N VAL A 217 -3.62 2.41 -5.60
CA VAL A 217 -3.02 3.37 -4.67
C VAL A 217 -3.03 2.72 -3.30
N VAL A 218 -1.87 2.69 -2.61
CA VAL A 218 -1.75 2.12 -1.27
C VAL A 218 -1.24 3.22 -0.37
N HIS A 219 -1.84 3.37 0.80
CA HIS A 219 -1.26 4.29 1.77
C HIS A 219 -1.50 3.82 3.20
N CYS A 220 -0.64 4.34 4.09
CA CYS A 220 -0.81 4.24 5.53
C CYS A 220 -0.68 5.69 6.03
N SER A 221 -0.01 5.97 7.14
CA SER A 221 0.17 7.40 7.47
C SER A 221 1.28 8.00 6.61
N ALA A 222 2.41 7.31 6.51
CA ALA A 222 3.56 7.83 5.73
C ALA A 222 3.70 7.20 4.37
N GLY A 223 2.96 6.11 4.12
CA GLY A 223 3.11 5.46 2.82
C GLY A 223 4.39 4.62 2.69
N ILE A 224 4.97 4.13 3.80
CA ILE A 224 6.20 3.34 3.70
C ILE A 224 6.18 2.08 4.59
N GLY A 225 5.71 2.16 5.84
CA GLY A 225 5.87 1.03 6.78
C GLY A 225 4.82 -0.05 6.50
N ARG A 226 3.57 0.21 6.89
CA ARG A 226 2.49 -0.74 6.55
C ARG A 226 2.32 -0.88 5.05
N SER A 227 2.40 0.23 4.29
CA SER A 227 2.25 0.14 2.84
C SER A 227 3.33 -0.73 2.24
N GLY A 228 4.57 -0.60 2.74
CA GLY A 228 5.66 -1.41 2.19
C GLY A 228 5.46 -2.89 2.49
N THR A 229 4.88 -3.18 3.66
CA THR A 229 4.66 -4.58 4.06
C THR A 229 3.65 -5.25 3.13
N ILE A 230 2.49 -4.64 2.90
CA ILE A 230 1.54 -5.31 2.03
C ILE A 230 2.08 -5.45 0.61
N CYS A 231 2.79 -4.43 0.10
CA CYS A 231 3.28 -4.54 -1.26
CA CYS A 231 3.37 -4.44 -1.24
C CYS A 231 4.37 -5.59 -1.38
N LEU A 232 5.25 -5.73 -0.39
CA LEU A 232 6.29 -6.76 -0.48
C LEU A 232 5.65 -8.14 -0.52
N ALA A 233 4.69 -8.38 0.37
CA ALA A 233 4.04 -9.70 0.39
C ALA A 233 3.35 -9.98 -0.94
N ASP A 234 2.61 -8.99 -1.46
CA ASP A 234 1.90 -9.19 -2.71
C ASP A 234 2.86 -9.50 -3.86
N THR A 235 3.89 -8.64 -4.03
CA THR A 235 4.83 -8.87 -5.10
C THR A 235 5.50 -10.24 -4.98
N CYS A 236 5.94 -10.62 -3.78
CA CYS A 236 6.59 -11.93 -3.63
C CYS A 236 5.65 -13.05 -4.04
N LEU A 237 4.40 -12.97 -3.63
CA LEU A 237 3.43 -14.02 -4.00
C LEU A 237 3.20 -14.03 -5.51
N LEU A 238 3.17 -12.86 -6.12
CA LEU A 238 2.96 -12.82 -7.57
C LEU A 238 4.15 -13.39 -8.33
N LEU A 239 5.38 -13.09 -7.87
CA LEU A 239 6.56 -13.70 -8.49
C LEU A 239 6.51 -15.22 -8.38
N MET A 240 6.19 -15.75 -7.19
CA MET A 240 6.08 -17.20 -7.03
C MET A 240 5.05 -17.78 -8.01
N ASP A 241 3.96 -17.05 -8.22
CA ASP A 241 2.82 -17.49 -9.05
C ASP A 241 3.22 -17.57 -10.52
N LYS A 242 3.91 -16.54 -11.02
CA LYS A 242 4.27 -16.46 -12.43
C LYS A 242 5.15 -17.61 -12.76
N ARG A 243 6.07 -17.84 -11.85
CA ARG A 243 7.07 -18.89 -11.90
C ARG A 243 6.50 -20.26 -11.55
N LYS A 244 5.48 -20.33 -10.67
CA LYS A 244 5.14 -21.53 -9.87
C LYS A 244 6.37 -22.15 -9.16
N ASP A 245 7.16 -21.31 -8.49
CA ASP A 245 8.46 -21.73 -7.99
C ASP A 245 8.85 -20.91 -6.74
N PRO A 246 8.48 -21.39 -5.54
CA PRO A 246 8.78 -20.57 -4.34
C PRO A 246 10.25 -20.28 -4.19
N SER A 247 11.12 -21.18 -4.69
CA SER A 247 12.55 -21.04 -4.46
C SER A 247 13.17 -19.90 -5.26
N SER A 248 12.51 -19.48 -6.31
CA SER A 248 13.00 -18.39 -7.11
C SER A 248 12.82 -17.05 -6.42
N VAL A 249 12.17 -17.00 -5.25
CA VAL A 249 11.81 -15.71 -4.66
C VAL A 249 12.75 -15.39 -3.52
N ASP A 250 13.45 -14.27 -3.64
CA ASP A 250 14.39 -13.78 -2.62
C ASP A 250 13.76 -12.52 -2.01
N ILE A 251 13.13 -12.67 -0.85
CA ILE A 251 12.32 -11.59 -0.28
C ILE A 251 13.14 -10.36 -0.04
N LYS A 252 14.36 -10.51 0.53
CA LYS A 252 15.18 -9.32 0.79
C LYS A 252 15.54 -8.61 -0.50
N LYS A 253 15.85 -9.37 -1.56
CA LYS A 253 16.16 -8.76 -2.85
C LYS A 253 14.95 -8.03 -3.42
N VAL A 254 13.73 -8.60 -3.23
CA VAL A 254 12.55 -7.89 -3.75
C VAL A 254 12.35 -6.58 -3.00
N LEU A 255 12.53 -6.60 -1.67
CA LEU A 255 12.35 -5.35 -0.90
C LEU A 255 13.37 -4.32 -1.33
N LEU A 256 14.61 -4.74 -1.57
CA LEU A 256 15.62 -3.77 -1.99
C LEU A 256 15.26 -3.20 -3.36
N GLU A 257 14.67 -4.03 -4.22
CA GLU A 257 14.23 -3.51 -5.51
C GLU A 257 13.10 -2.50 -5.32
N MET A 258 12.12 -2.79 -4.44
CA MET A 258 11.05 -1.83 -4.22
C MET A 258 11.61 -0.52 -3.68
N ARG A 259 12.61 -0.60 -2.80
CA ARG A 259 13.22 0.62 -2.24
C ARG A 259 14.02 1.44 -3.27
N LYS A 260 14.22 0.95 -4.50
CA LYS A 260 14.73 1.87 -5.55
C LYS A 260 13.68 2.93 -5.89
N PHE A 261 12.40 2.67 -5.58
CA PHE A 261 11.31 3.53 -6.02
C PHE A 261 10.73 4.37 -4.92
N ARG A 262 10.82 3.94 -3.65
CA ARG A 262 10.42 4.82 -2.55
C ARG A 262 11.24 4.45 -1.33
N MET A 263 11.70 5.45 -0.55
CA MET A 263 12.53 5.18 0.63
C MET A 263 11.72 4.49 1.73
N GLY A 264 12.43 3.75 2.57
CA GLY A 264 11.89 3.42 3.88
C GLY A 264 10.83 2.33 3.91
N LEU A 265 10.60 1.64 2.79
CA LEU A 265 9.53 0.65 2.72
C LEU A 265 9.81 -0.46 3.72
N ILE A 266 8.86 -0.74 4.63
N ILE A 266 8.79 -0.74 4.56
CA ILE A 266 9.07 -1.63 5.78
CA ILE A 266 8.86 -1.53 5.79
C ILE A 266 9.85 -0.87 6.86
C ILE A 266 9.76 -0.84 6.79
N GLN A 267 9.16 -0.47 7.93
CA GLN A 267 9.79 0.42 8.91
C GLN A 267 10.30 -0.27 10.16
N THR A 268 10.03 -1.57 10.35
CA THR A 268 10.59 -2.24 11.52
C THR A 268 11.05 -3.65 11.14
N ALA A 269 12.00 -4.16 11.93
CA ALA A 269 12.40 -5.55 11.75
C ALA A 269 11.21 -6.50 11.89
N ASP A 270 10.27 -6.20 12.81
CA ASP A 270 9.14 -7.14 12.96
C ASP A 270 8.22 -7.12 11.75
N GLN A 271 8.09 -5.97 11.07
CA GLN A 271 7.32 -5.98 9.85
C GLN A 271 8.00 -6.82 8.77
N LEU A 272 9.34 -6.80 8.71
CA LEU A 272 10.05 -7.71 7.80
C LEU A 272 9.75 -9.16 8.17
N ARG A 273 9.93 -9.48 9.44
CA ARG A 273 9.66 -10.86 9.87
C ARG A 273 8.24 -11.26 9.51
N PHE A 274 7.28 -10.36 9.76
CA PHE A 274 5.90 -10.66 9.41
C PHE A 274 5.72 -10.87 7.91
N SER A 275 6.38 -10.07 7.08
CA SER A 275 6.33 -10.27 5.63
C SER A 275 6.73 -11.70 5.23
N TYR A 276 7.82 -12.21 5.81
CA TYR A 276 8.19 -13.61 5.56
C TYR A 276 7.04 -14.55 5.93
N LEU A 277 6.49 -14.37 7.15
CA LEU A 277 5.42 -15.27 7.59
C LEU A 277 4.27 -15.22 6.61
N ALA A 278 3.92 -14.02 6.14
CA ALA A 278 2.77 -13.90 5.21
C ALA A 278 3.06 -14.57 3.88
N VAL A 279 4.26 -14.38 3.34
CA VAL A 279 4.60 -15.01 2.06
C VAL A 279 4.66 -16.52 2.21
N ILE A 280 5.27 -17.02 3.30
CA ILE A 280 5.37 -18.47 3.48
C ILE A 280 3.98 -19.09 3.56
N GLU A 281 3.07 -18.42 4.28
CA GLU A 281 1.71 -18.98 4.39
C GLU A 281 0.95 -18.83 3.08
N GLY A 282 1.08 -17.67 2.41
CA GLY A 282 0.33 -17.47 1.15
C GLY A 282 0.80 -18.41 0.06
N ALA A 283 2.05 -18.87 0.14
CA ALA A 283 2.58 -19.81 -0.83
C ALA A 283 1.73 -21.07 -0.93
N LYS A 284 1.09 -21.47 0.18
CA LYS A 284 0.22 -22.66 0.13
C LYS A 284 -0.88 -22.48 -0.91
N PHE A 285 -1.48 -21.29 -0.93
CA PHE A 285 -2.52 -21.02 -1.92
C PHE A 285 -1.94 -21.00 -3.34
N ILE A 286 -0.85 -20.27 -3.53
CA ILE A 286 -0.21 -20.18 -4.85
C ILE A 286 0.12 -21.56 -5.41
N MET A 287 0.62 -22.48 -4.57
CA MET A 287 1.07 -23.76 -5.07
C MET A 287 -0.07 -24.78 -5.16
N GLY A 288 -1.32 -24.34 -5.06
CA GLY A 288 -2.44 -25.19 -5.44
C GLY A 288 -3.34 -25.69 -4.34
N ASP A 289 -3.21 -25.19 -3.10
CA ASP A 289 -4.21 -25.52 -2.07
C ASP A 289 -5.18 -24.35 -1.91
N SER A 290 -6.24 -24.33 -2.70
CA SER A 290 -7.09 -23.13 -2.58
C SER A 290 -7.90 -23.12 -1.27
N SER A 291 -8.06 -24.28 -0.61
CA SER A 291 -8.81 -24.38 0.65
C SER A 291 -8.19 -23.55 1.80
N VAL A 292 -6.89 -23.25 1.75
CA VAL A 292 -6.31 -22.40 2.80
C VAL A 292 -6.98 -21.04 2.83
N GLN A 293 -7.49 -20.56 1.68
CA GLN A 293 -8.18 -19.28 1.64
C GLN A 293 -9.42 -19.27 2.52
N ASP A 294 -10.20 -20.36 2.50
CA ASP A 294 -11.31 -20.49 3.44
C ASP A 294 -10.83 -20.56 4.88
N GLN A 295 -9.72 -21.28 5.12
CA GLN A 295 -9.12 -21.33 6.45
C GLN A 295 -8.79 -19.92 6.94
N TRP A 296 -8.11 -19.12 6.12
CA TRP A 296 -7.81 -17.74 6.56
C TRP A 296 -9.08 -16.97 6.88
N LYS A 297 -10.11 -17.09 6.04
CA LYS A 297 -11.30 -16.31 6.32
C LYS A 297 -11.90 -16.73 7.67
N GLU A 298 -11.94 -18.03 7.92
CA GLU A 298 -12.41 -18.53 9.22
C GLU A 298 -11.56 -18.01 10.37
N LEU A 299 -10.24 -18.05 10.23
CA LEU A 299 -9.34 -17.61 11.31
C LEU A 299 -9.38 -16.11 11.53
N SER A 300 -9.87 -15.34 10.58
CA SER A 300 -9.82 -13.89 10.67
C SER A 300 -11.06 -13.29 11.35
N HIS A 301 -12.11 -14.10 11.58
CA HIS A 301 -13.37 -13.74 12.23
C HIS A 301 -13.95 -12.43 11.73
N GLU A 302 -14.18 -12.38 10.40
CA GLU A 302 -14.73 -11.18 9.76
C GLU A 302 -16.06 -10.77 10.31
N ASP A 303 -16.86 -11.72 10.80
CA ASP A 303 -18.23 -11.46 11.23
C ASP A 303 -18.33 -11.21 12.72
N1 OTA B . 9.39 8.89 10.56
C2 OTA B . 9.02 7.89 9.51
C3 OTA B . 7.61 7.35 9.60
C4 OTA B . 6.76 7.99 10.58
C5 OTA B . 7.09 9.14 11.44
C6 OTA B . 8.33 9.83 10.94
S13 OTA B . 6.89 6.11 8.85
C14 OTA B . 5.45 6.29 9.56
C15 OTA B . 5.41 7.31 10.52
C16 OTA B . 4.18 7.68 11.37
O17 OTA B . 4.30 8.45 12.38
O18 OTA B . 3.06 7.15 11.10
N19 OTA B . 4.30 5.56 9.40
C20 OTA B . 4.20 4.49 8.54
C21 OTA B . 2.86 3.80 8.60
O22 OTA B . 1.89 4.58 8.74
O23 OTA B . 2.82 2.53 8.58
O24 OTA B . 5.15 4.05 7.85
C TRS C . 12.76 6.75 -14.88
C1 TRS C . 11.74 7.73 -14.51
C2 TRS C . 13.59 6.24 -13.72
C3 TRS C . 11.92 5.60 -15.32
N TRS C . 13.69 7.23 -15.88
O1 TRS C . 12.54 8.71 -13.96
O2 TRS C . 12.63 5.87 -12.75
O3 TRS C . 12.89 4.69 -15.74
CL CL D . -4.24 15.09 8.65
CL CL E . -10.48 5.69 10.48
CL CL F . -5.74 6.93 19.70
CL CL G . 14.23 2.70 6.72
CL CL H . 9.85 26.81 -4.03
C1 GOL I . -10.31 17.00 4.88
O1 GOL I . -9.61 17.68 5.90
C2 GOL I . -10.80 18.10 3.88
O2 GOL I . -9.93 19.19 3.77
C3 GOL I . -10.99 17.36 2.56
O3 GOL I . -11.08 18.30 1.53
C1 GOL J . 26.25 1.92 -0.78
O1 GOL J . 25.68 0.70 -0.36
C2 GOL J . 25.13 2.98 -0.65
O2 GOL J . 25.36 4.14 -1.40
C3 GOL J . 23.81 2.24 -1.06
O3 GOL J . 22.74 3.10 -0.68
#